data_5D7F
#
_entry.id   5D7F
#
_cell.length_a   35.089
_cell.length_b   59.824
_cell.length_c   47.563
_cell.angle_alpha   90.00
_cell.angle_beta   111.65
_cell.angle_gamma   90.00
#
_symmetry.space_group_name_H-M   'P 1 21 1'
#
loop_
_entity.id
_entity.type
_entity.pdbx_description
1 polymer 'Protein S100-B'
2 polymer 'Advanced glycosylation end product-specific receptor'
3 non-polymer 'CALCIUM ION'
4 non-polymer GLYCEROL
5 water water
#
loop_
_entity_poly.entity_id
_entity_poly.type
_entity_poly.pdbx_seq_one_letter_code
_entity_poly.pdbx_strand_id
1 'polypeptide(L)'
;MSELEKAMVALIDVFHQYSGREGDKHKLKKSELKELINNELSHFLEEIKEQEVVDKVMETLDNDGDGECDFQEFMAFVAM
VTTACHEFFEHE
;
A,B
2 'polypeptide(L)' SPQGGGPWDSVARVL P
#
loop_
_chem_comp.id
_chem_comp.type
_chem_comp.name
_chem_comp.formula
CA non-polymer 'CALCIUM ION' 'Ca 2'
GOL non-polymer GLYCEROL 'C3 H8 O3'
#
# COMPACT_ATOMS: atom_id res chain seq x y z
N MET A 1 2.10 13.90 11.50
CA MET A 1 1.56 12.95 10.52
C MET A 1 0.64 11.96 11.18
N SER A 2 -0.37 11.52 10.45
CA SER A 2 -1.27 10.47 10.94
C SER A 2 -0.57 9.11 10.89
N GLU A 3 -1.21 8.11 11.48
CA GLU A 3 -0.69 6.73 11.34
C GLU A 3 -0.64 6.28 9.89
N LEU A 4 -1.64 6.66 9.10
CA LEU A 4 -1.68 6.30 7.69
C LEU A 4 -0.48 6.98 6.95
N GLU A 5 -0.26 8.28 7.23
CA GLU A 5 0.83 8.99 6.58
C GLU A 5 2.18 8.39 6.95
N LYS A 6 2.34 8.06 8.22
CA LYS A 6 3.60 7.42 8.68
C LYS A 6 3.79 6.07 7.98
N ALA A 7 2.72 5.32 7.78
CA ALA A 7 2.81 4.06 7.07
C ALA A 7 3.27 4.25 5.63
N MET A 8 2.72 5.26 4.95
CA MET A 8 3.11 5.57 3.58
CA MET A 8 3.11 5.54 3.59
C MET A 8 4.59 5.92 3.50
N VAL A 9 5.05 6.75 4.41
CA VAL A 9 6.46 7.08 4.46
C VAL A 9 7.33 5.83 4.68
N ALA A 10 6.92 4.92 5.55
CA ALA A 10 7.67 3.68 5.81
C ALA A 10 7.75 2.83 4.54
N LEU A 11 6.71 2.77 3.73
CA LEU A 11 6.73 2.02 2.48
C LEU A 11 7.76 2.59 1.53
N ILE A 12 7.78 3.90 1.41
CA ILE A 12 8.75 4.52 0.52
C ILE A 12 10.16 4.25 1.03
N ASP A 13 10.37 4.43 2.32
CA ASP A 13 11.67 4.29 2.93
C ASP A 13 12.22 2.88 2.74
N VAL A 14 11.41 1.88 3.06
CA VAL A 14 11.96 0.51 2.99
C VAL A 14 12.21 0.12 1.55
N PHE A 15 11.36 0.52 0.63
CA PHE A 15 11.63 0.19 -0.76
C PHE A 15 12.97 0.74 -1.19
N HIS A 16 13.23 1.99 -0.86
CA HIS A 16 14.44 2.62 -1.34
CA HIS A 16 14.44 2.63 -1.36
C HIS A 16 15.69 2.16 -0.64
N GLN A 17 15.54 1.80 0.63
CA GLN A 17 16.64 1.15 1.36
C GLN A 17 17.14 -0.07 0.58
N TYR A 18 16.24 -0.91 0.09
CA TYR A 18 16.64 -2.10 -0.63
C TYR A 18 16.91 -1.86 -2.08
N SER A 19 16.13 -1.01 -2.76
CA SER A 19 16.32 -0.83 -4.20
C SER A 19 17.64 -0.14 -4.52
N GLY A 20 18.09 0.70 -3.59
CA GLY A 20 19.29 1.48 -3.81
C GLY A 20 20.59 0.73 -3.54
N ARG A 21 20.52 -0.55 -3.17
CA ARG A 21 21.75 -1.29 -2.87
C ARG A 21 22.64 -1.51 -4.12
N GLU A 22 22.02 -1.92 -5.23
CA GLU A 22 22.75 -2.39 -6.42
C GLU A 22 21.97 -2.04 -7.67
N GLY A 23 22.73 -1.82 -8.75
CA GLY A 23 22.17 -1.68 -10.07
C GLY A 23 21.30 -0.47 -10.11
N ASP A 24 20.18 -0.61 -10.82
CA ASP A 24 19.17 0.42 -10.85
C ASP A 24 18.74 0.77 -9.41
N LYS A 25 18.88 2.02 -9.02
CA LYS A 25 18.55 2.43 -7.65
C LYS A 25 17.06 2.55 -7.39
N HIS A 26 16.26 2.45 -8.45
CA HIS A 26 14.82 2.62 -8.32
CA HIS A 26 14.82 2.62 -8.32
C HIS A 26 14.07 1.31 -8.45
N LYS A 27 14.81 0.20 -8.56
CA LYS A 27 14.18 -1.08 -8.69
C LYS A 27 14.91 -2.11 -7.82
N LEU A 28 14.14 -3.12 -7.43
CA LEU A 28 14.62 -4.31 -6.73
C LEU A 28 14.99 -5.40 -7.71
N LYS A 29 16.27 -5.78 -7.71
CA LYS A 29 16.68 -7.03 -8.38
C LYS A 29 16.39 -8.21 -7.44
N LYS A 30 16.55 -9.44 -7.93
CA LYS A 30 16.20 -10.59 -7.11
C LYS A 30 16.83 -10.60 -5.74
N SER A 31 18.12 -10.29 -5.63
CA SER A 31 18.77 -10.39 -4.32
C SER A 31 18.20 -9.32 -3.39
N GLU A 32 17.96 -8.10 -3.88
CA GLU A 32 17.40 -7.03 -3.04
C GLU A 32 15.99 -7.42 -2.56
N LEU A 33 15.17 -7.97 -3.45
CA LEU A 33 13.83 -8.40 -3.08
C LEU A 33 13.86 -9.54 -2.06
N LYS A 34 14.75 -10.51 -2.25
CA LYS A 34 14.89 -11.61 -1.30
C LYS A 34 15.23 -11.07 0.10
N GLU A 35 16.20 -10.13 0.16
CA GLU A 35 16.63 -9.62 1.46
C GLU A 35 15.50 -8.83 2.11
N LEU A 36 14.74 -8.05 1.30
CA LEU A 36 13.63 -7.27 1.85
C LEU A 36 12.63 -8.22 2.49
N ILE A 37 12.29 -9.30 1.77
CA ILE A 37 11.31 -10.23 2.35
C ILE A 37 11.80 -10.90 3.61
N ASN A 38 13.04 -11.37 3.57
CA ASN A 38 13.61 -12.13 4.67
C ASN A 38 13.86 -11.26 5.89
N ASN A 39 14.27 -10.01 5.69
CA ASN A 39 14.59 -9.17 6.84
C ASN A 39 13.36 -8.41 7.35
N GLU A 40 12.43 -8.06 6.46
CA GLU A 40 11.39 -7.07 6.79
C GLU A 40 10.00 -7.67 6.82
N LEU A 41 9.83 -8.91 6.35
CA LEU A 41 8.51 -9.57 6.34
C LEU A 41 8.51 -10.89 7.08
N SER A 42 9.43 -11.02 8.05
CA SER A 42 9.63 -12.32 8.74
C SER A 42 8.43 -12.75 9.59
N HIS A 43 7.53 -11.85 9.95
CA HIS A 43 6.36 -12.25 10.74
C HIS A 43 5.19 -12.59 9.86
N PHE A 44 5.24 -12.23 8.58
CA PHE A 44 4.12 -12.44 7.67
C PHE A 44 4.38 -13.47 6.59
N LEU A 45 5.65 -13.69 6.25
CA LEU A 45 6.03 -14.61 5.20
C LEU A 45 7.11 -15.54 5.71
N GLU A 46 7.05 -16.80 5.32
CA GLU A 46 8.15 -17.69 5.59
C GLU A 46 9.41 -17.22 4.89
N GLU A 47 10.55 -17.43 5.55
CA GLU A 47 11.83 -17.08 4.97
C GLU A 47 12.05 -17.78 3.64
N ILE A 48 12.60 -17.04 2.68
CA ILE A 48 12.98 -17.61 1.40
C ILE A 48 14.40 -18.13 1.44
N LYS A 49 14.55 -19.43 1.15
CA LYS A 49 15.86 -20.09 1.18
C LYS A 49 16.22 -20.77 -0.11
N GLU A 50 15.27 -20.84 -1.03
CA GLU A 50 15.48 -21.58 -2.28
C GLU A 50 15.42 -20.65 -3.47
N GLN A 51 16.34 -20.84 -4.40
CA GLN A 51 16.38 -20.04 -5.60
C GLN A 51 15.06 -20.12 -6.37
N GLU A 52 14.44 -21.30 -6.41
CA GLU A 52 13.19 -21.48 -7.13
CA GLU A 52 13.21 -21.42 -7.19
C GLU A 52 12.13 -20.51 -6.59
N VAL A 53 12.11 -20.30 -5.27
CA VAL A 53 11.10 -19.44 -4.66
C VAL A 53 11.43 -18.00 -4.99
N VAL A 54 12.69 -17.60 -4.86
CA VAL A 54 13.10 -16.25 -5.31
C VAL A 54 12.63 -15.98 -6.74
N ASP A 55 12.88 -16.92 -7.62
CA ASP A 55 12.53 -16.78 -9.03
C ASP A 55 11.03 -16.66 -9.20
N LYS A 56 10.27 -17.52 -8.53
CA LYS A 56 8.80 -17.45 -8.68
C LYS A 56 8.24 -16.13 -8.12
N VAL A 57 8.78 -15.67 -7.01
CA VAL A 57 8.30 -14.40 -6.44
C VAL A 57 8.56 -13.27 -7.44
N MET A 58 9.78 -13.20 -8.00
CA MET A 58 10.03 -12.13 -8.96
C MET A 58 9.15 -12.27 -10.21
N GLU A 59 8.99 -13.48 -10.72
CA GLU A 59 8.15 -13.71 -11.87
CA GLU A 59 8.14 -13.72 -11.87
C GLU A 59 6.71 -13.23 -11.64
N THR A 60 6.20 -13.47 -10.43
CA THR A 60 4.83 -13.08 -10.03
C THR A 60 4.70 -11.56 -9.97
N LEU A 61 5.68 -10.88 -9.42
CA LEU A 61 5.64 -9.45 -9.15
C LEU A 61 6.02 -8.57 -10.33
N ASP A 62 6.81 -9.13 -11.24
CA ASP A 62 7.38 -8.36 -12.36
C ASP A 62 6.41 -8.29 -13.53
N ASN A 63 5.46 -7.37 -13.45
CA ASN A 63 4.41 -7.30 -14.45
C ASN A 63 4.85 -6.76 -15.79
N ASP A 64 5.94 -5.99 -15.83
CA ASP A 64 6.41 -5.46 -17.10
C ASP A 64 7.59 -6.21 -17.75
N GLY A 65 8.03 -7.33 -17.15
CA GLY A 65 8.97 -8.26 -17.74
C GLY A 65 10.43 -7.84 -17.78
N ASP A 66 10.82 -6.79 -17.06
CA ASP A 66 12.22 -6.35 -17.03
C ASP A 66 13.14 -7.06 -16.04
N GLY A 67 12.59 -8.03 -15.31
CA GLY A 67 13.33 -8.87 -14.40
C GLY A 67 13.57 -8.19 -13.06
N GLU A 68 12.99 -7.01 -12.83
CA GLU A 68 13.13 -6.32 -11.56
C GLU A 68 11.76 -5.88 -11.06
N CYS A 69 11.70 -5.55 -9.77
CA CYS A 69 10.46 -5.08 -9.14
C CYS A 69 10.57 -3.58 -8.87
N ASP A 70 9.81 -2.80 -9.63
CA ASP A 70 9.81 -1.34 -9.42
C ASP A 70 8.87 -0.96 -8.26
N PHE A 71 8.68 0.35 -8.04
CA PHE A 71 7.88 0.78 -6.89
C PHE A 71 6.41 0.41 -7.03
N GLN A 72 5.86 0.54 -8.22
CA GLN A 72 4.47 0.14 -8.45
C GLN A 72 4.28 -1.33 -8.23
N GLU A 73 5.22 -2.13 -8.72
CA GLU A 73 5.16 -3.58 -8.56
C GLU A 73 5.32 -3.95 -7.09
N PHE A 74 6.18 -3.23 -6.38
CA PHE A 74 6.34 -3.44 -4.92
C PHE A 74 5.02 -3.09 -4.19
N MET A 75 4.36 -2.00 -4.57
CA MET A 75 3.09 -1.65 -3.91
CA MET A 75 3.11 -1.66 -3.90
C MET A 75 2.02 -2.70 -4.18
N ALA A 76 2.04 -3.32 -5.37
CA ALA A 76 1.12 -4.40 -5.62
C ALA A 76 1.38 -5.60 -4.71
N PHE A 77 2.66 -5.90 -4.49
CA PHE A 77 3.07 -6.95 -3.57
C PHE A 77 2.58 -6.62 -2.15
N VAL A 78 2.82 -5.38 -1.68
CA VAL A 78 2.35 -4.97 -0.36
C VAL A 78 0.85 -5.16 -0.24
N ALA A 79 0.11 -4.78 -1.30
CA ALA A 79 -1.35 -4.98 -1.29
C ALA A 79 -1.70 -6.46 -1.14
N MET A 80 -0.99 -7.35 -1.82
CA MET A 80 -1.34 -8.76 -1.68
CA MET A 80 -1.27 -8.78 -1.70
C MET A 80 -1.07 -9.29 -0.28
N VAL A 81 0.04 -8.92 0.30
CA VAL A 81 0.35 -9.37 1.65
C VAL A 81 -0.59 -8.83 2.69
N THR A 82 -0.93 -7.54 2.58
CA THR A 82 -1.81 -6.88 3.49
CA THR A 82 -1.83 -6.92 3.54
C THR A 82 -3.22 -7.51 3.38
N THR A 83 -3.64 -7.81 2.16
CA THR A 83 -4.92 -8.52 1.97
C THR A 83 -4.87 -9.89 2.66
N ALA A 84 -3.78 -10.64 2.48
CA ALA A 84 -3.68 -11.99 3.08
C ALA A 84 -3.76 -11.92 4.62
N CYS A 85 -3.25 -10.85 5.22
N CYS A 85 -3.32 -10.78 5.13
CA CYS A 85 -3.28 -10.69 6.69
CA CYS A 85 -3.62 -10.39 6.48
C CYS A 85 -4.68 -10.77 7.27
C CYS A 85 -5.05 -9.87 6.54
N HIS A 86 -5.69 -10.40 6.48
N HIS A 86 -5.97 -10.81 6.61
CA HIS A 86 -7.08 -10.48 6.95
CA HIS A 86 -7.35 -10.55 6.94
C HIS A 86 -7.52 -11.83 7.54
C HIS A 86 -7.74 -11.92 7.45
N GLU A 87 -6.98 -12.92 7.01
CA GLU A 87 -7.25 -14.29 7.46
C GLU A 87 -7.03 -14.44 8.96
N PHE A 88 -6.18 -13.60 9.52
CA PHE A 88 -5.79 -13.78 10.91
C PHE A 88 -6.59 -12.92 11.88
N PHE A 89 -7.63 -12.26 11.39
CA PHE A 89 -8.58 -11.57 12.28
C PHE A 89 -10.02 -11.49 11.79
N GLU A 90 -10.30 -12.03 10.61
CA GLU A 90 -11.66 -12.05 10.06
C GLU A 90 -12.08 -13.45 9.64
N HIS A 91 -11.31 -14.02 8.71
CA HIS A 91 -11.61 -15.33 8.17
C HIS A 91 -10.69 -16.35 8.81
N MET B 1 8.26 -6.76 15.17
CA MET B 1 7.70 -6.33 13.89
C MET B 1 8.52 -5.21 13.27
N SER B 2 8.81 -5.34 11.97
CA SER B 2 9.59 -4.36 11.28
C SER B 2 8.79 -3.07 10.99
N GLU B 3 9.49 -2.05 10.52
CA GLU B 3 8.77 -0.83 10.09
C GLU B 3 7.78 -1.13 8.96
N LEU B 4 8.17 -1.99 8.02
CA LEU B 4 7.30 -2.37 6.92
C LEU B 4 6.03 -3.12 7.47
N GLU B 5 6.23 -4.06 8.40
CA GLU B 5 5.11 -4.81 8.97
C GLU B 5 4.17 -3.87 9.74
N LYS B 6 4.75 -2.95 10.51
CA LYS B 6 3.95 -1.96 11.24
C LYS B 6 3.14 -1.10 10.27
N ALA B 7 3.73 -0.72 9.13
CA ALA B 7 3.03 0.06 8.13
C ALA B 7 1.84 -0.71 7.56
N MET B 8 2.03 -2.00 7.29
CA MET B 8 0.95 -2.81 6.75
CA MET B 8 0.97 -2.85 6.77
C MET B 8 -0.20 -2.95 7.75
N VAL B 9 0.13 -3.16 9.01
CA VAL B 9 -0.90 -3.18 10.03
C VAL B 9 -1.66 -1.85 10.11
N ALA B 10 -0.96 -0.72 9.99
CA ALA B 10 -1.63 0.57 10.05
C ALA B 10 -2.58 0.75 8.86
N LEU B 11 -2.25 0.24 7.69
CA LEU B 11 -3.13 0.31 6.56
C LEU B 11 -4.41 -0.43 6.80
N ILE B 12 -4.26 -1.63 7.34
CA ILE B 12 -5.45 -2.41 7.63
C ILE B 12 -6.30 -1.71 8.68
N ASP B 13 -5.66 -1.24 9.74
CA ASP B 13 -6.29 -0.50 10.85
CA ASP B 13 -6.35 -0.63 10.85
C ASP B 13 -7.13 0.64 10.37
N VAL B 14 -6.49 1.53 9.63
CA VAL B 14 -7.18 2.77 9.26
C VAL B 14 -8.33 2.44 8.32
N PHE B 15 -8.15 1.53 7.38
CA PHE B 15 -9.23 1.20 6.47
C PHE B 15 -10.44 0.76 7.26
N HIS B 16 -10.23 -0.12 8.21
CA HIS B 16 -11.35 -0.69 8.94
CA HIS B 16 -11.37 -0.69 8.90
C HIS B 16 -12.00 0.26 9.91
N GLN B 17 -11.21 1.15 10.49
CA GLN B 17 -11.74 2.22 11.34
C GLN B 17 -12.82 2.97 10.53
N TYR B 18 -12.53 3.34 9.30
CA TYR B 18 -13.46 4.10 8.48
C TYR B 18 -14.51 3.26 7.82
N SER B 19 -14.15 2.08 7.30
CA SER B 19 -15.12 1.26 6.59
C SER B 19 -16.22 0.73 7.48
N GLY B 20 -15.89 0.55 8.74
CA GLY B 20 -16.82 -0.03 9.70
C GLY B 20 -17.82 0.96 10.28
N ARG B 21 -17.77 2.22 9.88
CA ARG B 21 -18.68 3.22 10.46
C ARG B 21 -20.15 2.98 10.07
N GLU B 22 -20.39 2.69 8.79
CA GLU B 22 -21.74 2.67 8.22
C GLU B 22 -21.83 1.61 7.12
N GLY B 23 -23.03 1.06 6.97
CA GLY B 23 -23.37 0.19 5.88
C GLY B 23 -22.48 -1.00 5.90
N ASP B 24 -22.06 -1.39 4.70
CA ASP B 24 -21.12 -2.48 4.54
C ASP B 24 -19.89 -2.17 5.38
N LYS B 25 -19.54 -3.05 6.30
CA LYS B 25 -18.41 -2.82 7.19
C LYS B 25 -17.05 -3.06 6.54
N HIS B 26 -17.06 -3.59 5.33
N HIS B 26 -17.06 -3.59 5.32
CA HIS B 26 -15.81 -3.91 4.66
CA HIS B 26 -15.83 -3.92 4.61
C HIS B 26 -15.50 -2.94 3.53
C HIS B 26 -15.58 -3.00 3.43
N LYS B 27 -16.38 -1.95 3.31
CA LYS B 27 -16.21 -0.98 2.24
C LYS B 27 -16.41 0.44 2.76
N LEU B 28 -15.73 1.37 2.07
CA LEU B 28 -15.88 2.80 2.27
C LEU B 28 -16.96 3.35 1.35
N LYS B 29 -18.01 3.90 1.94
CA LYS B 29 -18.95 4.73 1.17
C LYS B 29 -18.37 6.15 1.01
N LYS B 30 -19.00 7.01 0.22
CA LYS B 30 -18.44 8.33 0.00
C LYS B 30 -18.13 9.10 1.26
N SER B 31 -19.03 9.10 2.24
CA SER B 31 -18.76 9.88 3.44
C SER B 31 -17.56 9.31 4.21
N GLU B 32 -17.47 7.99 4.33
CA GLU B 32 -16.34 7.37 5.03
C GLU B 32 -15.04 7.70 4.33
N LEU B 33 -15.01 7.60 3.00
CA LEU B 33 -13.80 7.95 2.23
C LEU B 33 -13.41 9.40 2.37
N LYS B 34 -14.41 10.29 2.33
CA LYS B 34 -14.11 11.71 2.51
C LYS B 34 -13.46 11.96 3.88
N GLU B 35 -14.03 11.36 4.92
CA GLU B 35 -13.49 11.61 6.27
C GLU B 35 -12.09 11.01 6.40
N LEU B 36 -11.85 9.84 5.77
CA LEU B 36 -10.52 9.23 5.85
C LEU B 36 -9.49 10.19 5.23
N ILE B 37 -9.83 10.73 4.06
CA ILE B 37 -8.89 11.62 3.38
C ILE B 37 -8.64 12.88 4.19
N ASN B 38 -9.72 13.48 4.69
CA ASN B 38 -9.63 14.77 5.38
C ASN B 38 -8.97 14.63 6.72
N ASN B 39 -9.19 13.53 7.43
CA ASN B 39 -8.61 13.37 8.76
C ASN B 39 -7.21 12.76 8.72
N GLU B 40 -6.97 11.86 7.77
CA GLU B 40 -5.79 11.00 7.83
C GLU B 40 -4.77 11.32 6.73
N LEU B 41 -5.13 12.14 5.73
CA LEU B 41 -4.19 12.47 4.65
C LEU B 41 -3.99 13.96 4.51
N SER B 42 -4.16 14.68 5.62
CA SER B 42 -4.12 16.17 5.57
C SER B 42 -2.76 16.74 5.20
N HIS B 43 -1.69 15.96 5.31
CA HIS B 43 -0.39 16.49 4.94
C HIS B 43 -0.03 16.19 3.51
N PHE B 44 -0.74 15.25 2.88
CA PHE B 44 -0.46 14.80 1.53
C PHE B 44 -1.47 15.24 0.50
N LEU B 45 -2.72 15.51 0.93
CA LEU B 45 -3.79 15.87 0.03
C LEU B 45 -4.51 17.09 0.58
N GLU B 46 -4.89 18.00 -0.31
CA GLU B 46 -5.74 19.10 0.09
C GLU B 46 -7.09 18.56 0.61
N GLU B 47 -7.63 19.23 1.62
CA GLU B 47 -8.92 18.89 2.19
C GLU B 47 -10.01 18.90 1.13
N ILE B 48 -10.89 17.92 1.20
CA ILE B 48 -12.03 17.84 0.32
C ILE B 48 -13.21 18.57 0.94
N LYS B 49 -13.70 19.57 0.22
CA LYS B 49 -14.81 20.41 0.70
C LYS B 49 -15.99 20.44 -0.24
N GLU B 50 -15.83 19.90 -1.43
CA GLU B 50 -16.87 19.99 -2.47
CA GLU B 50 -16.86 20.00 -2.45
C GLU B 50 -17.37 18.61 -2.84
N GLN B 51 -18.67 18.48 -2.97
CA GLN B 51 -19.27 17.23 -3.32
C GLN B 51 -18.71 16.72 -4.67
N GLU B 52 -18.46 17.62 -5.62
CA GLU B 52 -17.95 17.20 -6.93
CA GLU B 52 -18.00 17.12 -6.91
C GLU B 52 -16.62 16.46 -6.78
N VAL B 53 -15.78 16.91 -5.83
CA VAL B 53 -14.48 16.27 -5.62
C VAL B 53 -14.69 14.92 -4.95
N VAL B 54 -15.54 14.85 -3.92
CA VAL B 54 -15.91 13.55 -3.34
C VAL B 54 -16.33 12.55 -4.43
N ASP B 55 -17.21 13.01 -5.32
CA ASP B 55 -17.75 12.14 -6.34
C ASP B 55 -16.66 11.69 -7.30
N LYS B 56 -15.78 12.61 -7.70
CA LYS B 56 -14.71 12.25 -8.65
CA LYS B 56 -14.73 12.24 -8.65
C LYS B 56 -13.71 11.27 -8.02
N VAL B 57 -13.38 11.50 -6.76
CA VAL B 57 -12.48 10.59 -6.07
C VAL B 57 -13.09 9.18 -6.03
N MET B 58 -14.37 9.07 -5.65
CA MET B 58 -14.96 7.75 -5.61
C MET B 58 -15.02 7.11 -7.00
N GLU B 59 -15.41 7.90 -7.99
CA GLU B 59 -15.47 7.42 -9.37
CA GLU B 59 -15.48 7.41 -9.35
C GLU B 59 -14.12 6.86 -9.85
N THR B 60 -13.03 7.55 -9.47
CA THR B 60 -11.67 7.15 -9.86
C THR B 60 -11.26 5.86 -9.18
N LEU B 61 -11.61 5.70 -7.91
CA LEU B 61 -11.16 4.58 -7.10
C LEU B 61 -12.02 3.33 -7.26
N ASP B 62 -13.28 3.51 -7.62
CA ASP B 62 -14.26 2.42 -7.62
C ASP B 62 -14.18 1.65 -8.93
N ASN B 63 -13.26 0.71 -9.00
CA ASN B 63 -13.04 0.02 -10.25
C ASN B 63 -14.10 -1.02 -10.59
N ASP B 64 -14.84 -1.52 -9.61
CA ASP B 64 -15.85 -2.52 -9.89
C ASP B 64 -17.29 -1.96 -9.98
N GLY B 65 -17.45 -0.63 -9.87
CA GLY B 65 -18.71 0.07 -10.11
C GLY B 65 -19.78 -0.07 -9.06
N ASP B 66 -19.48 -0.56 -7.87
CA ASP B 66 -20.48 -0.70 -6.81
C ASP B 66 -20.73 0.56 -5.97
N GLY B 67 -20.03 1.63 -6.29
CA GLY B 67 -20.23 2.92 -5.64
C GLY B 67 -19.52 3.00 -4.30
N GLU B 68 -18.73 1.98 -3.94
CA GLU B 68 -17.94 1.98 -2.72
C GLU B 68 -16.51 1.61 -3.02
N CYS B 69 -15.64 1.93 -2.06
CA CYS B 69 -14.22 1.62 -2.13
C CYS B 69 -13.88 0.45 -1.20
N ASP B 70 -13.60 -0.72 -1.78
CA ASP B 70 -13.22 -1.88 -0.96
C ASP B 70 -11.73 -1.81 -0.59
N PHE B 71 -11.23 -2.87 0.09
CA PHE B 71 -9.85 -2.82 0.54
C PHE B 71 -8.83 -2.81 -0.60
N GLN B 72 -9.09 -3.59 -1.64
CA GLN B 72 -8.19 -3.59 -2.80
C GLN B 72 -8.17 -2.24 -3.48
N GLU B 73 -9.34 -1.63 -3.60
CA GLU B 73 -9.44 -0.30 -4.21
C GLU B 73 -8.75 0.74 -3.35
N PHE B 74 -8.88 0.59 -2.04
CA PHE B 74 -8.19 1.46 -1.09
C PHE B 74 -6.66 1.29 -1.25
N MET B 75 -6.18 0.06 -1.37
CA MET B 75 -4.72 -0.16 -1.52
C MET B 75 -4.21 0.45 -2.82
N ALA B 76 -5.05 0.44 -3.86
CA ALA B 76 -4.66 1.09 -5.11
C ALA B 76 -4.54 2.60 -4.93
N PHE B 77 -5.46 3.18 -4.14
CA PHE B 77 -5.40 4.60 -3.81
C PHE B 77 -4.12 4.91 -3.02
N VAL B 78 -3.82 4.09 -2.00
CA VAL B 78 -2.59 4.29 -1.23
C VAL B 78 -1.36 4.24 -2.13
N ALA B 79 -1.35 3.33 -3.09
CA ALA B 79 -0.24 3.23 -4.02
C ALA B 79 -0.12 4.52 -4.84
N MET B 80 -1.24 5.07 -5.29
CA MET B 80 -1.18 6.32 -6.06
CA MET B 80 -1.14 6.30 -6.08
C MET B 80 -0.60 7.48 -5.26
N VAL B 81 -1.05 7.62 -4.04
CA VAL B 81 -0.58 8.71 -3.20
C VAL B 81 0.88 8.54 -2.83
N THR B 82 1.28 7.32 -2.48
CA THR B 82 2.64 7.03 -2.09
CA THR B 82 2.67 7.09 -2.09
C THR B 82 3.57 7.28 -3.30
N THR B 83 3.13 6.93 -4.49
CA THR B 83 3.93 7.21 -5.70
CA THR B 83 4.00 7.23 -5.63
C THR B 83 4.07 8.73 -5.88
N ALA B 84 2.97 9.47 -5.72
CA ALA B 84 3.01 10.94 -5.89
C ALA B 84 3.99 11.59 -4.90
N CYS B 85 4.20 11.00 -3.76
N CYS B 85 4.07 10.99 -3.70
CA CYS B 85 5.10 11.60 -2.80
CA CYS B 85 5.20 11.14 -2.78
C CYS B 85 6.56 11.74 -3.28
C CYS B 85 6.40 10.43 -3.37
N HIS B 86 6.92 11.05 -4.38
CA HIS B 86 8.30 10.88 -4.76
C HIS B 86 8.77 12.25 -5.26
N GLU B 87 7.81 13.05 -5.70
CA GLU B 87 8.08 14.35 -6.29
C GLU B 87 8.72 15.27 -5.26
N PHE B 88 8.47 14.97 -3.99
CA PHE B 88 8.97 15.83 -2.93
C PHE B 88 10.33 15.44 -2.35
N PHE B 89 10.95 14.41 -2.96
CA PHE B 89 12.33 14.08 -2.59
C PHE B 89 13.16 13.45 -3.70
N GLU B 90 12.64 13.43 -4.92
CA GLU B 90 13.37 12.80 -6.02
C GLU B 90 13.39 13.68 -7.27
N HIS B 91 12.21 14.15 -7.69
CA HIS B 91 12.14 15.11 -8.77
C HIS B 91 10.70 15.57 -8.90
N GLY C 6 0.87 -19.47 -3.47
N GLY C 6 -4.81 14.35 -10.56
CA GLY C 6 1.80 -18.45 -3.03
CA GLY C 6 -6.01 14.41 -9.75
C GLY C 6 2.11 -17.31 -3.98
C GLY C 6 -6.67 13.07 -9.47
N PRO C 7 3.37 -17.26 -4.45
N PRO C 7 -7.92 13.12 -9.01
CA PRO C 7 4.38 -18.27 -4.14
CA PRO C 7 -8.61 14.39 -8.75
C PRO C 7 5.01 -18.14 -2.76
C PRO C 7 -8.26 15.01 -7.40
N TRP C 8 4.70 -17.05 -2.05
N TRP C 8 -7.36 14.38 -6.66
CA TRP C 8 5.10 -16.95 -0.66
CA TRP C 8 -6.82 14.98 -5.44
C TRP C 8 4.11 -17.71 0.23
C TRP C 8 -5.72 15.93 -5.82
N ASP C 9 4.49 -17.93 1.48
N ASP C 9 -5.30 16.75 -4.87
CA ASP C 9 3.63 -18.63 2.43
CA ASP C 9 -4.20 17.70 -5.07
C ASP C 9 3.34 -17.67 3.59
C ASP C 9 -3.11 17.38 -4.07
N SER C 10 2.06 -17.30 3.75
N SER C 10 -1.99 16.80 -4.55
CA SER C 10 1.65 -16.30 4.73
CA SER C 10 -0.94 16.36 -3.65
C SER C 10 1.52 -16.88 6.12
C SER C 10 -0.13 17.52 -3.14
N VAL C 11 1.98 -16.10 7.10
N VAL C 11 0.25 17.39 -1.88
CA VAL C 11 1.91 -16.48 8.49
CA VAL C 11 1.13 18.35 -1.24
C VAL C 11 1.54 -15.25 9.30
C VAL C 11 2.07 17.56 -0.34
N ALA C 12 1.36 -15.39 10.61
N ALA C 12 2.98 18.24 0.35
CA ALA C 12 1.19 -14.20 11.47
CA ALA C 12 3.81 17.56 1.34
C ALA C 12 1.83 -14.63 12.78
C ALA C 12 4.00 18.63 2.40
N ARG C 13 3.14 -14.44 12.89
N ARG C 13 3.05 18.71 3.34
CA ARG C 13 3.87 -15.13 14.00
CA ARG C 13 2.99 19.94 4.13
C ARG C 13 4.44 -14.46 15.24
C ARG C 13 3.51 19.98 5.55
N VAL C 14 4.75 -15.39 16.17
N VAL C 14 4.08 21.15 5.86
CA VAL C 14 5.30 -15.22 17.54
CA VAL C 14 4.21 21.64 7.23
C VAL C 14 6.14 -16.46 18.11
C VAL C 14 3.60 23.03 7.46
N LEU C 15 6.99 -16.17 19.09
N LEU C 15 3.79 23.57 8.66
CA LEU C 15 7.53 -17.08 20.13
CA LEU C 15 2.92 24.62 9.18
C LEU C 15 7.14 -18.55 20.10
C LEU C 15 3.49 25.12 10.51
CA CA D . 18.47 -2.01 -7.22
CA CA E . 9.39 -4.95 -13.46
C1 GOL F . 18.18 -23.79 1.94
O1 GOL F . 18.46 -23.65 0.58
C2 GOL F . 17.57 -25.15 2.28
O2 GOL F . 18.22 -25.64 3.43
C3 GOL F . 16.07 -25.07 2.56
O3 GOL F . 15.31 -25.09 1.37
C1 GOL G . -4.42 -12.49 -2.01
O1 GOL G . -3.56 -11.70 -1.23
C2 GOL G . -5.20 -11.61 -3.00
O2 GOL G . -6.54 -11.48 -2.58
C3 GOL G . -4.54 -10.25 -3.16
O3 GOL G . -4.72 -9.84 -4.50
C1 GOL H . 25.75 -1.69 -10.32
O1 GOL H . 25.29 -2.49 -11.39
C2 GOL H . 26.12 -2.56 -9.12
O2 GOL H . 25.34 -3.74 -9.09
C3 GOL H . 25.92 -1.79 -7.83
O3 GOL H . 26.26 -2.62 -6.74
C1 GOL I . 22.15 -5.19 -11.52
O1 GOL I . 23.32 -4.95 -10.78
C2 GOL I . 22.44 -5.29 -13.02
O2 GOL I . 21.77 -6.39 -13.59
C3 GOL I . 21.97 -4.03 -13.71
O3 GOL I . 21.20 -4.38 -14.86
C1 GOL J . 18.70 -13.98 -5.81
O1 GOL J . 18.70 -14.55 -7.10
C2 GOL J . 19.83 -14.46 -4.92
O2 GOL J . 19.88 -13.65 -3.76
C3 GOL J . 19.56 -15.89 -4.50
O3 GOL J . 18.33 -16.02 -3.83
CA CA K . -18.82 1.23 5.33
CA CA L . -15.90 -0.73 -5.53
C1 GOL M . -20.03 14.59 0.97
O1 GOL M . -21.38 14.82 1.29
C2 GOL M . -19.66 13.18 1.42
O2 GOL M . -19.69 13.21 2.84
C3 GOL M . -20.71 12.16 1.00
O3 GOL M . -21.02 12.23 -0.37
#